data_4KNE
#
_entry.id   4KNE
#
_cell.length_a   33.000
_cell.length_b   63.900
_cell.length_c   78.300
_cell.angle_alpha   90.000
_cell.angle_beta   100.880
_cell.angle_gamma   90.000
#
_symmetry.space_group_name_H-M   'P 1 21 1'
#
loop_
_entity.id
_entity.type
_entity.pdbx_description
1 polymer 'Dihydrofolate reductase'
2 non-polymer 1-(4-chlorophenyl)-6,6-dimethyl-1,6-dihydro-1,3,5-triazine-2,4-diamine
3 non-polymer "2'-MONOPHOSPHOADENOSINE-5'-DIPHOSPHATE"
4 water water
#
_entity_poly.entity_id   1
_entity_poly.type   'polypeptide(L)'
_entity_poly.pdbx_seq_one_letter_code
;MGSSHHHHHHSSGLVPRGSHMVGLIWAQATSGVIGRGGDIPWRLPEDQAHFREITMGHTIVMGRRTWDSLPAKVRPLPGR
RNVVLSRQADFMASGAEVVGSLEEALTSPETWVIGGGQVYALALPYATRCEVTEVDIGLPREAGDALAPVLDETWRGETG
EWRFSRSGLRYRLYSYHRS
;
_entity_poly.pdbx_strand_id   A,B
#
loop_
_chem_comp.id
_chem_comp.type
_chem_comp.name
_chem_comp.formula
1CY non-polymer 1-(4-chlorophenyl)-6,6-dimethyl-1,6-dihydro-1,3,5-triazine-2,4-diamine 'C11 H14 Cl N5'
ATR non-polymer 2'-MONOPHOSPHOADENOSINE-5'-DIPHOSPHATE 'C10 H16 N5 O13 P3'
#
# COMPACT_ATOMS: atom_id res chain seq x y z
N MET A 21 2.59 3.35 6.01
CA MET A 21 2.23 4.33 7.04
C MET A 21 2.34 5.75 6.51
N VAL A 22 1.24 6.27 5.95
CA VAL A 22 1.16 7.68 5.58
C VAL A 22 0.49 8.51 6.68
N GLY A 23 1.18 9.54 7.15
CA GLY A 23 0.66 10.39 8.20
C GLY A 23 0.69 11.86 7.85
N LEU A 24 -0.13 12.64 8.53
CA LEU A 24 -0.16 14.07 8.33
C LEU A 24 0.18 14.73 9.65
N ILE A 25 1.10 15.70 9.63
CA ILE A 25 1.43 16.47 10.82
C ILE A 25 1.28 17.98 10.60
N TRP A 26 0.61 18.67 11.53
CA TRP A 26 0.41 20.10 11.39
C TRP A 26 0.14 20.73 12.74
N ALA A 27 0.26 22.05 12.81
CA ALA A 27 -0.07 22.82 14.00
C ALA A 27 -1.07 23.90 13.60
N GLN A 28 -2.20 23.95 14.31
CA GLN A 28 -3.27 24.86 14.00
C GLN A 28 -3.67 25.67 15.23
N ALA A 29 -4.21 26.87 15.01
CA ALA A 29 -4.84 27.54 16.12
C ALA A 29 -6.14 26.79 16.37
N THR A 30 -6.93 27.24 17.34
CA THR A 30 -8.21 26.59 17.59
C THR A 30 -9.15 26.63 16.37
N SER A 31 -9.15 27.77 15.69
CA SER A 31 -10.01 28.05 14.54
C SER A 31 -9.67 27.24 13.28
N GLY A 32 -8.58 26.50 13.34
CA GLY A 32 -8.14 25.76 12.17
C GLY A 32 -7.09 26.47 11.35
N VAL A 33 -6.77 27.73 11.67
CA VAL A 33 -5.73 28.48 10.94
C VAL A 33 -4.34 27.87 11.24
N ILE A 34 -3.57 27.53 10.22
CA ILE A 34 -2.23 26.97 10.45
C ILE A 34 -1.13 27.87 9.92
N GLY A 35 -1.54 28.86 9.13
CA GLY A 35 -0.60 29.80 8.55
C GLY A 35 -1.28 31.05 8.04
N ARG A 36 -0.62 32.19 8.20
CA ARG A 36 -1.11 33.47 7.69
C ARG A 36 0.07 34.35 7.28
N GLY A 37 -0.07 35.02 6.13
CA GLY A 37 0.97 35.90 5.63
C GLY A 37 2.28 35.23 5.28
N GLY A 38 2.24 33.90 5.18
CA GLY A 38 3.43 33.12 4.92
C GLY A 38 4.09 32.66 6.20
N ASP A 39 3.45 32.98 7.33
CA ASP A 39 4.01 32.66 8.63
C ASP A 39 3.15 31.73 9.47
N ILE A 40 3.79 30.92 10.29
CA ILE A 40 3.12 30.37 11.45
C ILE A 40 2.83 31.56 12.35
N PRO A 41 1.55 31.75 12.71
CA PRO A 41 1.13 32.93 13.49
C PRO A 41 1.36 32.84 15.00
N TRP A 42 2.38 32.10 15.44
CA TRP A 42 2.73 32.05 16.85
C TRP A 42 4.16 31.57 16.95
N ARG A 43 4.71 31.63 18.16
CA ARG A 43 6.03 31.09 18.43
C ARG A 43 5.91 29.97 19.46
N LEU A 44 6.27 28.76 19.07
CA LEU A 44 6.13 27.63 19.95
C LEU A 44 7.27 26.65 19.76
N PRO A 45 8.38 26.85 20.49
CA PRO A 45 9.54 25.96 20.39
C PRO A 45 9.21 24.52 20.78
N GLU A 46 8.20 24.34 21.60
CA GLU A 46 7.81 23.00 21.97
C GLU A 46 7.16 22.29 20.77
N ASP A 47 6.48 23.05 19.91
CA ASP A 47 5.95 22.49 18.67
C ASP A 47 7.05 22.03 17.72
N GLN A 48 8.08 22.86 17.55
CA GLN A 48 9.19 22.51 16.67
C GLN A 48 9.86 21.22 17.16
N ALA A 49 10.10 21.14 18.47
CA ALA A 49 10.71 19.95 19.03
C ALA A 49 9.78 18.74 18.89
N HIS A 50 8.48 18.96 19.07
CA HIS A 50 7.47 17.91 18.87
C HIS A 50 7.51 17.40 17.43
N PHE A 51 7.56 18.32 16.49
CA PHE A 51 7.53 17.99 15.06
C PHE A 51 8.73 17.14 14.70
N ARG A 52 9.89 17.59 15.13
CA ARG A 52 11.15 16.89 14.94
C ARG A 52 11.05 15.49 15.52
N GLU A 53 10.54 15.38 16.73
CA GLU A 53 10.42 14.11 17.45
C GLU A 53 9.57 13.05 16.71
N ILE A 54 8.50 13.50 16.07
CA ILE A 54 7.59 12.60 15.35
C ILE A 54 8.20 12.15 14.02
N THR A 55 8.91 13.07 13.37
CA THR A 55 9.36 12.85 12.00
C THR A 55 10.80 12.39 11.88
N MET A 56 11.59 12.55 12.94
CA MET A 56 13.00 12.21 12.88
C MET A 56 13.22 10.74 12.46
N GLY A 57 14.11 10.53 11.50
CA GLY A 57 14.43 9.18 11.08
C GLY A 57 13.47 8.60 10.08
N HIS A 58 12.44 9.36 9.72
CA HIS A 58 11.46 8.93 8.72
C HIS A 58 11.51 9.84 7.50
N THR A 59 10.63 9.56 6.54
CA THR A 59 10.47 10.39 5.35
C THR A 59 9.51 11.52 5.66
N ILE A 60 9.83 12.73 5.18
CA ILE A 60 8.89 13.83 5.18
C ILE A 60 8.50 14.25 3.76
N VAL A 61 7.24 14.57 3.56
CA VAL A 61 6.79 14.99 2.23
C VAL A 61 6.23 16.40 2.23
N MET A 62 6.71 17.23 1.31
CA MET A 62 6.25 18.60 1.25
C MET A 62 5.98 19.02 -0.17
N GLY A 63 5.12 20.01 -0.36
CA GLY A 63 4.95 20.62 -1.66
C GLY A 63 6.08 21.56 -2.00
N ARG A 64 6.34 21.70 -3.30
CA ARG A 64 7.39 22.57 -3.83
C ARG A 64 7.34 23.98 -3.21
N ARG A 65 6.14 24.50 -2.97
CA ARG A 65 6.02 25.86 -2.45
C ARG A 65 6.52 25.95 -1.01
N THR A 66 6.30 24.88 -0.26
CA THR A 66 6.79 24.75 1.11
C THR A 66 8.33 24.68 1.17
N TRP A 67 8.95 23.87 0.32
CA TRP A 67 10.41 23.84 0.21
C TRP A 67 10.95 25.23 -0.14
N ASP A 68 10.26 25.90 -1.07
CA ASP A 68 10.62 27.24 -1.55
C ASP A 68 10.53 28.30 -0.44
N SER A 69 9.71 28.05 0.57
CA SER A 69 9.55 29.00 1.66
C SER A 69 10.52 28.73 2.82
N LEU A 70 11.13 27.56 2.84
CA LEU A 70 12.17 27.29 3.84
C LEU A 70 13.48 28.00 3.47
N PRO A 71 14.19 28.57 4.47
CA PRO A 71 15.48 29.20 4.16
C PRO A 71 16.44 28.17 3.55
N ALA A 72 17.33 28.60 2.66
CA ALA A 72 18.29 27.68 2.05
C ALA A 72 19.14 27.08 3.17
N LYS A 73 19.35 27.86 4.21
CA LYS A 73 20.13 27.42 5.36
C LYS A 73 19.53 26.18 6.03
N VAL A 74 18.20 26.07 6.01
CA VAL A 74 17.57 25.00 6.77
C VAL A 74 17.18 23.75 5.94
N ARG A 75 17.03 23.92 4.63
CA ARG A 75 16.57 22.85 3.75
C ARG A 75 17.74 22.08 3.11
N PRO A 76 17.69 20.74 3.08
CA PRO A 76 16.63 19.86 3.58
C PRO A 76 16.66 19.75 5.09
N LEU A 77 15.51 19.48 5.69
CA LEU A 77 15.44 19.26 7.12
C LEU A 77 16.25 18.00 7.44
N PRO A 78 17.22 18.13 8.36
CA PRO A 78 18.21 17.07 8.59
C PRO A 78 17.70 15.83 9.32
N GLY A 79 18.38 14.70 9.11
CA GLY A 79 18.04 13.45 9.77
C GLY A 79 16.78 12.79 9.27
N ARG A 80 16.27 13.27 8.13
CA ARG A 80 15.05 12.74 7.56
C ARG A 80 15.14 12.72 6.04
N ARG A 81 14.38 11.82 5.44
CA ARG A 81 14.31 11.73 3.98
C ARG A 81 13.37 12.81 3.45
N ASN A 82 13.94 13.85 2.86
CA ASN A 82 13.12 14.94 2.31
C ASN A 82 12.65 14.63 0.91
N VAL A 83 11.33 14.62 0.74
CA VAL A 83 10.74 14.47 -0.57
C VAL A 83 9.96 15.72 -0.92
N VAL A 84 10.14 16.20 -2.13
CA VAL A 84 9.48 17.42 -2.60
C VAL A 84 8.62 17.10 -3.81
N LEU A 85 7.33 17.43 -3.70
CA LEU A 85 6.38 17.23 -4.79
C LEU A 85 6.39 18.41 -5.73
N SER A 86 6.57 18.14 -7.02
CA SER A 86 6.58 19.21 -8.01
C SER A 86 6.19 18.67 -9.37
N ARG A 87 5.63 19.53 -10.23
CA ARG A 87 5.43 19.16 -11.62
C ARG A 87 6.67 19.45 -12.50
N GLN A 88 7.58 20.27 -12.00
CA GLN A 88 8.76 20.68 -12.77
C GLN A 88 9.90 19.68 -12.66
N ALA A 89 10.14 18.96 -13.75
CA ALA A 89 11.19 17.96 -13.82
C ALA A 89 12.57 18.50 -13.54
N ASP A 90 12.76 19.80 -13.81
CA ASP A 90 14.07 20.40 -13.65
C ASP A 90 14.27 21.06 -12.29
N PHE A 91 13.39 20.76 -11.33
CA PHE A 91 13.45 21.48 -10.07
C PHE A 91 14.66 21.09 -9.18
N MET A 92 15.41 22.10 -8.79
CA MET A 92 16.59 21.91 -7.94
C MET A 92 16.20 21.92 -6.48
N ALA A 93 16.36 20.78 -5.82
CA ALA A 93 16.09 20.63 -4.41
C ALA A 93 17.22 19.86 -3.76
N SER A 94 18.33 20.55 -3.56
CA SER A 94 19.59 19.96 -3.11
C SER A 94 19.47 19.24 -1.78
N GLY A 95 19.94 18.00 -1.75
CA GLY A 95 19.90 17.20 -0.53
C GLY A 95 18.57 16.49 -0.38
N ALA A 96 17.60 16.86 -1.21
CA ALA A 96 16.28 16.25 -1.18
C ALA A 96 16.12 15.37 -2.41
N GLU A 97 14.91 14.82 -2.60
CA GLU A 97 14.55 14.20 -3.86
C GLU A 97 13.24 14.81 -4.37
N VAL A 98 13.11 14.89 -5.69
CA VAL A 98 11.89 15.44 -6.30
C VAL A 98 11.07 14.36 -7.03
N VAL A 99 9.79 14.25 -6.70
CA VAL A 99 8.88 13.32 -7.38
C VAL A 99 7.73 14.11 -8.04
N GLY A 100 7.14 13.57 -9.09
CA GLY A 100 6.13 14.30 -9.83
C GLY A 100 4.70 13.81 -9.70
N SER A 101 4.44 12.95 -8.73
CA SER A 101 3.09 12.48 -8.47
C SER A 101 2.97 12.13 -7.00
N LEU A 102 1.76 12.26 -6.43
CA LEU A 102 1.58 11.93 -5.02
C LEU A 102 1.88 10.46 -4.71
N GLU A 103 1.51 9.56 -5.61
CA GLU A 103 1.75 8.13 -5.46
C GLU A 103 3.21 7.81 -5.10
N GLU A 104 4.14 8.45 -5.81
CA GLU A 104 5.53 8.15 -5.70
C GLU A 104 6.15 8.68 -4.41
N ALA A 105 5.57 9.74 -3.87
CA ALA A 105 6.05 10.34 -2.63
C ALA A 105 5.67 9.48 -1.43
N LEU A 106 4.51 8.85 -1.51
CA LEU A 106 3.92 8.20 -0.34
C LEU A 106 4.38 6.76 -0.14
N THR A 107 5.49 6.40 -0.77
CA THR A 107 5.94 5.01 -0.74
C THR A 107 6.48 4.52 0.60
N SER A 108 7.55 5.15 1.08
CA SER A 108 8.33 4.67 2.25
C SER A 108 7.54 4.13 3.46
N PRO A 109 8.13 3.16 4.19
CA PRO A 109 7.53 2.53 5.38
C PRO A 109 6.86 3.51 6.36
N GLU A 110 7.37 4.73 6.46
CA GLU A 110 6.71 5.73 7.28
C GLU A 110 6.92 7.12 6.72
N THR A 111 5.83 7.71 6.24
CA THR A 111 5.85 9.03 5.65
C THR A 111 4.99 10.07 6.42
N TRP A 112 5.56 11.24 6.64
CA TRP A 112 4.84 12.37 7.22
C TRP A 112 4.72 13.55 6.27
N VAL A 113 3.50 13.85 5.89
CA VAL A 113 3.25 14.99 5.02
C VAL A 113 3.27 16.24 5.90
N ILE A 114 4.13 17.20 5.57
CA ILE A 114 4.34 18.34 6.47
C ILE A 114 3.80 19.69 5.98
N GLY A 115 3.21 19.69 4.78
CA GLY A 115 2.63 20.89 4.20
C GLY A 115 2.85 20.90 2.70
N GLY A 116 2.13 21.75 1.97
CA GLY A 116 1.20 22.70 2.57
C GLY A 116 -0.23 22.32 2.21
N GLY A 117 -1.06 23.34 2.02
CA GLY A 117 -2.48 23.17 1.75
C GLY A 117 -2.83 22.21 0.63
N GLN A 118 -2.15 22.32 -0.50
CA GLN A 118 -2.41 21.42 -1.63
C GLN A 118 -1.98 19.99 -1.32
N VAL A 119 -0.85 19.86 -0.66
CA VAL A 119 -0.29 18.54 -0.38
C VAL A 119 -1.07 17.84 0.75
N TYR A 120 -1.49 18.61 1.75
CA TYR A 120 -2.32 18.11 2.84
C TYR A 120 -3.60 17.51 2.29
N ALA A 121 -4.31 18.32 1.49
CA ALA A 121 -5.55 17.90 0.83
C ALA A 121 -5.34 16.65 0.01
N LEU A 122 -4.32 16.71 -0.84
CA LEU A 122 -3.95 15.62 -1.73
C LEU A 122 -3.73 14.32 -0.97
N ALA A 123 -3.00 14.42 0.13
CA ALA A 123 -2.54 13.24 0.87
C ALA A 123 -3.57 12.73 1.87
N LEU A 124 -4.58 13.54 2.17
CA LEU A 124 -5.58 13.19 3.18
C LEU A 124 -6.17 11.78 2.98
N PRO A 125 -6.74 11.48 1.80
CA PRO A 125 -7.35 10.15 1.61
C PRO A 125 -6.41 8.97 1.80
N TYR A 126 -5.11 9.21 1.79
CA TYR A 126 -4.12 8.14 1.96
C TYR A 126 -3.65 8.01 3.41
N ALA A 127 -4.03 8.98 4.24
CA ALA A 127 -3.52 9.08 5.60
C ALA A 127 -4.27 8.16 6.56
N THR A 128 -3.52 7.44 7.39
CA THR A 128 -4.07 6.65 8.47
C THR A 128 -3.62 7.18 9.83
N ARG A 129 -2.84 8.25 9.83
CA ARG A 129 -2.49 8.88 11.10
C ARG A 129 -2.44 10.38 10.97
N CYS A 130 -2.88 11.07 12.03
CA CYS A 130 -2.60 12.48 12.17
C CYS A 130 -1.92 12.76 13.51
N GLU A 131 -0.94 13.64 13.47
CA GLU A 131 -0.39 14.24 14.67
C GLU A 131 -0.57 15.75 14.56
N VAL A 132 -1.34 16.31 15.48
CA VAL A 132 -1.70 17.70 15.41
C VAL A 132 -1.27 18.39 16.68
N THR A 133 -0.90 19.65 16.56
CA THR A 133 -0.72 20.54 17.68
C THR A 133 -1.81 21.61 17.57
N GLU A 134 -2.69 21.67 18.56
CA GLU A 134 -3.65 22.76 18.63
C GLU A 134 -3.12 23.82 19.58
N VAL A 135 -3.08 25.07 19.11
CA VAL A 135 -2.54 26.14 19.93
C VAL A 135 -3.69 26.98 20.45
N ASP A 136 -3.68 27.26 21.75
CA ASP A 136 -4.80 27.95 22.38
C ASP A 136 -4.74 29.45 22.12
N ILE A 137 -5.18 29.87 20.94
CA ILE A 137 -5.22 31.28 20.57
C ILE A 137 -6.42 31.49 19.67
N GLY A 138 -7.11 32.61 19.85
CA GLY A 138 -8.30 32.89 19.07
C GLY A 138 -8.04 33.72 17.83
N LEU A 139 -7.87 33.04 16.68
CA LEU A 139 -7.63 33.69 15.39
C LEU A 139 -8.71 33.32 14.40
N PRO A 140 -9.85 34.01 14.46
CA PRO A 140 -10.92 33.80 13.48
C PRO A 140 -10.36 33.76 12.06
N ARG A 141 -10.76 32.75 11.31
CA ARG A 141 -10.29 32.58 9.94
C ARG A 141 -10.49 33.85 9.12
N GLU A 142 -9.55 34.11 8.22
CA GLU A 142 -9.67 35.24 7.32
C GLU A 142 -9.41 34.69 5.93
N ALA A 143 -10.06 35.29 4.95
CA ALA A 143 -9.74 35.00 3.55
C ALA A 143 -8.23 35.00 3.39
N GLY A 144 -7.69 33.99 2.70
CA GLY A 144 -6.27 33.93 2.42
C GLY A 144 -5.46 33.04 3.36
N ASP A 145 -5.99 32.82 4.56
CA ASP A 145 -5.35 31.96 5.57
C ASP A 145 -5.17 30.53 5.09
N ALA A 146 -4.04 29.94 5.42
CA ALA A 146 -3.85 28.50 5.24
C ALA A 146 -4.59 27.78 6.37
N LEU A 147 -5.30 26.70 6.03
CA LEU A 147 -6.23 26.03 6.94
C LEU A 147 -5.89 24.55 7.15
N ALA A 148 -6.21 24.04 8.33
CA ALA A 148 -5.90 22.66 8.67
C ALA A 148 -6.75 21.72 7.82
N PRO A 149 -6.21 20.53 7.51
CA PRO A 149 -7.05 19.56 6.81
C PRO A 149 -8.24 19.16 7.69
N VAL A 150 -9.40 18.95 7.07
CA VAL A 150 -10.63 18.69 7.80
C VAL A 150 -10.72 17.22 8.23
N LEU A 151 -10.84 16.98 9.54
CA LEU A 151 -11.03 15.62 10.00
C LEU A 151 -12.52 15.29 10.01
N ASP A 152 -12.84 14.12 9.46
CA ASP A 152 -14.19 13.59 9.46
C ASP A 152 -14.33 12.57 10.59
N GLU A 153 -15.46 11.87 10.60
CA GLU A 153 -15.77 10.94 11.68
C GLU A 153 -15.10 9.56 11.57
N THR A 154 -14.24 9.37 10.57
CA THR A 154 -13.56 8.09 10.44
C THR A 154 -12.41 8.00 11.43
N TRP A 155 -12.00 9.15 11.95
CA TRP A 155 -10.82 9.23 12.83
C TRP A 155 -11.13 8.91 14.27
N ARG A 156 -10.15 8.33 14.95
CA ARG A 156 -10.24 8.01 16.37
C ARG A 156 -8.88 8.26 17.01
N GLY A 157 -8.89 8.68 18.27
CA GLY A 157 -7.63 8.84 18.94
C GLY A 157 -7.65 9.62 20.22
N GLU A 158 -6.50 10.18 20.55
CA GLU A 158 -6.33 10.87 21.81
CA GLU A 158 -6.31 10.88 21.82
C GLU A 158 -6.19 12.37 21.61
N THR A 159 -7.07 13.12 22.26
CA THR A 159 -6.91 14.56 22.35
C THR A 159 -6.29 14.80 23.72
N GLY A 160 -5.01 15.18 23.72
CA GLY A 160 -4.26 15.29 24.96
C GLY A 160 -4.55 16.52 25.83
N GLU A 161 -3.93 16.52 27.01
CA GLU A 161 -4.15 17.60 27.98
CA GLU A 161 -4.12 17.60 28.00
C GLU A 161 -3.52 18.92 27.56
N TRP A 162 -4.14 20.03 27.96
CA TRP A 162 -3.56 21.34 27.74
C TRP A 162 -2.25 21.45 28.51
N ARG A 163 -1.32 22.24 27.97
CA ARG A 163 0.02 22.35 28.50
C ARG A 163 0.55 23.75 28.25
N PHE A 164 1.20 24.33 29.25
CA PHE A 164 1.84 25.63 29.09
C PHE A 164 3.23 25.46 28.53
N SER A 165 3.50 26.17 27.43
CA SER A 165 4.88 26.25 26.96
C SER A 165 5.64 27.21 27.86
N ARG A 166 6.95 27.30 27.65
CA ARG A 166 7.82 28.16 28.45
C ARG A 166 7.38 29.62 28.43
N SER A 167 6.81 30.07 27.32
CA SER A 167 6.39 31.45 27.20
C SER A 167 4.99 31.68 27.79
N GLY A 168 4.28 30.59 28.10
CA GLY A 168 2.95 30.69 28.63
C GLY A 168 1.85 30.58 27.59
N LEU A 169 2.24 30.36 26.34
CA LEU A 169 1.29 30.01 25.29
C LEU A 169 0.80 28.57 25.52
N ARG A 170 -0.52 28.38 25.47
CA ARG A 170 -1.09 27.07 25.73
C ARG A 170 -1.26 26.26 24.45
N TYR A 171 -0.94 24.98 24.52
CA TYR A 171 -1.08 24.10 23.36
C TYR A 171 -1.44 22.68 23.80
N ARG A 172 -2.07 21.91 22.92
CA ARG A 172 -2.30 20.50 23.20
C ARG A 172 -2.05 19.67 21.95
N LEU A 173 -1.87 18.37 22.14
CA LEU A 173 -1.55 17.46 21.04
C LEU A 173 -2.67 16.47 20.74
N TYR A 174 -3.05 16.37 19.45
CA TYR A 174 -3.93 15.31 18.97
C TYR A 174 -3.08 14.18 18.38
N SER A 175 -3.46 12.94 18.68
CA SER A 175 -2.84 11.79 18.01
C SER A 175 -3.93 10.84 17.46
N TYR A 176 -4.36 11.05 16.22
CA TYR A 176 -5.49 10.29 15.64
C TYR A 176 -5.09 9.29 14.57
N HIS A 177 -5.97 8.31 14.34
CA HIS A 177 -5.68 7.22 13.42
C HIS A 177 -6.96 6.57 12.90
N ARG A 178 -6.83 5.84 11.80
CA ARG A 178 -7.92 5.08 11.21
C ARG A 178 -7.39 3.94 10.34
N SER A 179 -8.33 3.19 9.77
CA SER A 179 -8.02 2.15 8.79
C SER A 179 -7.68 2.79 7.45
N MET B 21 1.71 -6.64 -0.07
CA MET B 21 2.45 -7.87 -0.38
C MET B 21 1.59 -8.81 -1.22
N VAL B 22 1.48 -8.49 -2.51
CA VAL B 22 0.68 -9.26 -3.45
C VAL B 22 1.55 -10.25 -4.22
N GLY B 23 1.16 -11.51 -4.16
CA GLY B 23 1.89 -12.57 -4.83
C GLY B 23 1.00 -13.37 -5.77
N LEU B 24 1.59 -13.95 -6.79
CA LEU B 24 0.86 -14.81 -7.70
C LEU B 24 1.47 -16.20 -7.60
N ILE B 25 0.61 -17.20 -7.47
CA ILE B 25 1.02 -18.60 -7.46
C ILE B 25 0.26 -19.41 -8.51
N TRP B 26 1.02 -20.04 -9.41
CA TRP B 26 0.43 -20.85 -10.46
C TRP B 26 1.35 -22.03 -10.76
N ALA B 27 0.82 -22.99 -11.51
CA ALA B 27 1.58 -24.15 -11.92
C ALA B 27 1.42 -24.28 -13.42
N GLN B 28 2.53 -24.25 -14.15
CA GLN B 28 2.46 -24.34 -15.61
C GLN B 28 3.25 -25.49 -16.26
N ALA B 29 2.76 -25.96 -17.40
CA ALA B 29 3.63 -26.72 -18.27
C ALA B 29 4.67 -25.74 -18.80
N THR B 30 5.69 -26.28 -19.46
CA THR B 30 6.77 -25.47 -20.00
C THR B 30 6.23 -24.43 -21.00
N SER B 31 5.22 -24.83 -21.76
CA SER B 31 4.63 -23.98 -22.81
C SER B 31 3.84 -22.77 -22.30
N GLY B 32 3.51 -22.78 -21.01
CA GLY B 32 2.67 -21.73 -20.47
C GLY B 32 1.25 -22.19 -20.21
N VAL B 33 0.89 -23.37 -20.69
CA VAL B 33 -0.42 -23.93 -20.38
C VAL B 33 -0.61 -24.19 -18.87
N ILE B 34 -1.66 -23.60 -18.30
CA ILE B 34 -1.98 -23.84 -16.90
C ILE B 34 -3.29 -24.63 -16.72
N GLY B 35 -4.16 -24.60 -17.72
CA GLY B 35 -5.44 -25.25 -17.60
C GLY B 35 -5.93 -25.82 -18.92
N ARG B 36 -6.50 -27.01 -18.85
CA ARG B 36 -6.95 -27.68 -20.05
C ARG B 36 -8.22 -28.47 -19.79
N GLY B 37 -9.29 -28.14 -20.51
CA GLY B 37 -10.59 -28.78 -20.31
C GLY B 37 -11.19 -28.42 -18.97
N GLY B 38 -10.70 -27.32 -18.38
CA GLY B 38 -11.10 -26.90 -17.07
C GLY B 38 -10.34 -27.64 -15.99
N ASP B 39 -9.30 -28.38 -16.38
CA ASP B 39 -8.52 -29.20 -15.45
C ASP B 39 -7.07 -28.74 -15.29
N ILE B 40 -6.46 -28.98 -14.13
CA ILE B 40 -5.00 -28.99 -14.08
C ILE B 40 -4.62 -30.18 -14.97
N PRO B 41 -3.74 -29.97 -15.98
CA PRO B 41 -3.47 -30.95 -17.03
C PRO B 41 -2.52 -32.06 -16.63
N TRP B 42 -2.32 -32.27 -15.33
CA TRP B 42 -1.44 -33.30 -14.83
C TRP B 42 -1.82 -33.53 -13.38
N ARG B 43 -1.29 -34.60 -12.79
CA ARG B 43 -1.51 -34.87 -11.38
C ARG B 43 -0.18 -34.83 -10.62
N LEU B 44 -0.01 -33.80 -9.81
CA LEU B 44 1.23 -33.58 -9.08
C LEU B 44 0.86 -33.21 -7.65
N PRO B 45 0.79 -34.20 -6.75
CA PRO B 45 0.44 -33.97 -5.33
C PRO B 45 1.49 -33.13 -4.59
N GLU B 46 2.73 -33.21 -5.06
CA GLU B 46 3.79 -32.36 -4.55
C GLU B 46 3.51 -30.87 -4.82
N ASP B 47 2.87 -30.57 -5.94
CA ASP B 47 2.49 -29.19 -6.22
C ASP B 47 1.35 -28.75 -5.32
N GLN B 48 0.39 -29.65 -5.08
CA GLN B 48 -0.70 -29.35 -4.16
C GLN B 48 -0.13 -29.04 -2.77
N ALA B 49 0.78 -29.88 -2.29
CA ALA B 49 1.42 -29.63 -1.02
C ALA B 49 2.17 -28.28 -1.03
N HIS B 50 3.00 -28.08 -2.05
CA HIS B 50 3.72 -26.82 -2.19
C HIS B 50 2.79 -25.60 -2.10
N PHE B 51 1.63 -25.72 -2.73
CA PHE B 51 0.61 -24.67 -2.74
C PHE B 51 0.12 -24.33 -1.34
N ARG B 52 -0.20 -25.36 -0.57
CA ARG B 52 -0.52 -25.20 0.85
C ARG B 52 0.64 -24.51 1.59
N GLU B 53 1.86 -24.93 1.30
CA GLU B 53 3.04 -24.38 1.97
C GLU B 53 3.14 -22.87 1.77
N ILE B 54 2.83 -22.40 0.57
CA ILE B 54 2.89 -20.99 0.24
C ILE B 54 1.68 -20.23 0.81
N THR B 55 0.49 -20.76 0.62
CA THR B 55 -0.72 -19.97 0.91
C THR B 55 -1.31 -20.10 2.32
N MET B 56 -1.00 -21.19 3.04
CA MET B 56 -1.63 -21.44 4.33
C MET B 56 -1.39 -20.29 5.29
N GLY B 57 -2.43 -19.94 6.04
CA GLY B 57 -2.36 -18.83 6.97
C GLY B 57 -2.42 -17.44 6.39
N HIS B 58 -2.65 -17.32 5.08
CA HIS B 58 -2.76 -16.01 4.43
C HIS B 58 -4.09 -15.80 3.68
N THR B 59 -4.17 -14.73 2.91
CA THR B 59 -5.32 -14.48 2.04
C THR B 59 -5.11 -15.11 0.66
N ILE B 60 -6.14 -15.79 0.16
CA ILE B 60 -6.10 -16.26 -1.22
C ILE B 60 -7.20 -15.56 -2.03
N VAL B 61 -6.83 -15.06 -3.20
CA VAL B 61 -7.76 -14.36 -4.07
C VAL B 61 -8.01 -15.17 -5.35
N MET B 62 -9.27 -15.27 -5.75
CA MET B 62 -9.61 -15.97 -6.97
C MET B 62 -10.78 -15.29 -7.68
N GLY B 63 -10.83 -15.44 -8.99
CA GLY B 63 -11.96 -14.99 -9.78
C GLY B 63 -13.17 -15.84 -9.47
N ARG B 64 -14.34 -15.33 -9.85
CA ARG B 64 -15.59 -15.99 -9.53
C ARG B 64 -15.66 -17.35 -10.22
N ARG B 65 -15.04 -17.45 -11.39
CA ARG B 65 -15.13 -18.67 -12.17
C ARG B 65 -14.27 -19.74 -11.54
N THR B 66 -13.11 -19.34 -11.06
CA THR B 66 -12.28 -20.25 -10.29
C THR B 66 -13.08 -20.83 -9.10
N TRP B 67 -13.71 -19.97 -8.30
CA TRP B 67 -14.62 -20.41 -7.21
C TRP B 67 -15.68 -21.41 -7.69
N ASP B 68 -16.44 -21.03 -8.72
CA ASP B 68 -17.43 -21.92 -9.32
C ASP B 68 -16.87 -23.27 -9.74
N SER B 69 -15.58 -23.32 -10.06
CA SER B 69 -14.95 -24.54 -10.57
C SER B 69 -14.54 -25.47 -9.43
N LEU B 70 -14.41 -24.91 -8.23
CA LEU B 70 -14.10 -25.73 -7.06
C LEU B 70 -15.37 -26.45 -6.61
N PRO B 71 -15.27 -27.77 -6.36
CA PRO B 71 -16.41 -28.55 -5.82
C PRO B 71 -16.99 -27.86 -4.59
N ALA B 72 -18.31 -27.93 -4.45
CA ALA B 72 -18.97 -27.28 -3.32
C ALA B 72 -18.44 -27.81 -1.99
N LYS B 73 -17.96 -29.04 -1.98
CA LYS B 73 -17.42 -29.63 -0.76
C LYS B 73 -16.07 -29.05 -0.32
N VAL B 74 -15.25 -28.60 -1.27
CA VAL B 74 -13.91 -28.12 -0.93
C VAL B 74 -13.79 -26.61 -0.69
N ARG B 75 -14.79 -25.83 -1.12
CA ARG B 75 -14.77 -24.38 -1.01
C ARG B 75 -15.57 -23.84 0.18
N PRO B 76 -15.03 -22.87 0.93
CA PRO B 76 -13.72 -22.21 0.74
C PRO B 76 -12.55 -23.11 1.16
N LEU B 77 -11.37 -22.91 0.57
CA LEU B 77 -10.18 -23.67 0.97
C LEU B 77 -9.78 -23.39 2.43
N PRO B 78 -9.55 -24.44 3.24
CA PRO B 78 -9.36 -24.26 4.69
C PRO B 78 -8.08 -23.52 5.08
N GLY B 79 -8.14 -22.87 6.24
CA GLY B 79 -6.99 -22.28 6.89
C GLY B 79 -6.49 -21.02 6.21
N ARG B 80 -7.28 -20.49 5.28
CA ARG B 80 -6.88 -19.33 4.51
C ARG B 80 -8.07 -18.43 4.34
N ARG B 81 -7.84 -17.13 4.29
CA ARG B 81 -8.90 -16.15 4.06
C ARG B 81 -9.24 -16.11 2.58
N ASN B 82 -10.36 -16.73 2.21
CA ASN B 82 -10.81 -16.81 0.83
C ASN B 82 -11.55 -15.59 0.35
N VAL B 83 -11.04 -14.96 -0.72
CA VAL B 83 -11.65 -13.78 -1.32
C VAL B 83 -12.00 -14.04 -2.77
N VAL B 84 -13.23 -13.75 -3.14
CA VAL B 84 -13.72 -13.99 -4.51
C VAL B 84 -14.04 -12.69 -5.21
N LEU B 85 -13.43 -12.48 -6.39
CA LEU B 85 -13.71 -11.29 -7.19
C LEU B 85 -14.92 -11.50 -8.09
N SER B 86 -15.95 -10.67 -7.93
CA SER B 86 -17.11 -10.73 -8.80
C SER B 86 -17.68 -9.34 -9.00
N ARG B 87 -18.38 -9.15 -10.11
CA ARG B 87 -19.15 -7.90 -10.31
C ARG B 87 -20.62 -8.08 -9.91
N GLN B 88 -20.99 -9.33 -9.62
CA GLN B 88 -22.31 -9.64 -9.11
C GLN B 88 -22.40 -9.42 -7.61
N ALA B 89 -23.12 -8.38 -7.20
CA ALA B 89 -23.25 -8.06 -5.77
C ALA B 89 -23.98 -9.15 -5.01
N ASP B 90 -24.93 -9.81 -5.68
CA ASP B 90 -25.70 -10.85 -5.02
C ASP B 90 -25.08 -12.23 -5.19
N PHE B 91 -23.83 -12.28 -5.64
CA PHE B 91 -23.17 -13.57 -5.76
C PHE B 91 -22.92 -14.17 -4.39
N MET B 92 -22.91 -15.50 -4.32
CA MET B 92 -22.81 -16.17 -3.04
C MET B 92 -21.65 -17.14 -2.93
N ALA B 93 -20.85 -16.95 -1.88
CA ALA B 93 -19.69 -17.79 -1.65
C ALA B 93 -19.55 -18.02 -0.15
N SER B 94 -20.28 -19.04 0.31
CA SER B 94 -20.32 -19.40 1.71
C SER B 94 -18.94 -19.70 2.24
N GLY B 95 -18.57 -19.00 3.30
CA GLY B 95 -17.25 -19.15 3.89
C GLY B 95 -16.22 -18.23 3.25
N ALA B 96 -16.59 -17.56 2.16
CA ALA B 96 -15.71 -16.58 1.56
C ALA B 96 -16.24 -15.18 1.79
N GLU B 97 -15.54 -14.20 1.23
CA GLU B 97 -16.07 -12.86 1.11
C GLU B 97 -16.02 -12.52 -0.37
N VAL B 98 -17.03 -11.80 -0.84
CA VAL B 98 -17.07 -11.38 -2.23
C VAL B 98 -16.70 -9.91 -2.32
N VAL B 99 -15.72 -9.59 -3.16
CA VAL B 99 -15.28 -8.20 -3.36
C VAL B 99 -15.62 -7.75 -4.79
N GLY B 100 -15.82 -6.44 -4.98
CA GLY B 100 -16.27 -5.91 -6.26
C GLY B 100 -15.20 -5.21 -7.07
N SER B 101 -13.97 -5.25 -6.58
CA SER B 101 -12.86 -4.60 -7.23
C SER B 101 -11.53 -5.24 -6.85
N LEU B 102 -10.64 -5.30 -7.83
CA LEU B 102 -9.29 -5.84 -7.66
C LEU B 102 -8.57 -5.11 -6.53
N GLU B 103 -8.62 -3.79 -6.58
CA GLU B 103 -7.98 -2.95 -5.57
C GLU B 103 -8.41 -3.41 -4.17
N GLU B 104 -9.70 -3.43 -3.91
CA GLU B 104 -10.19 -3.86 -2.62
C GLU B 104 -9.79 -5.30 -2.29
N ALA B 105 -9.52 -6.12 -3.32
CA ALA B 105 -9.17 -7.51 -3.10
C ALA B 105 -7.72 -7.71 -2.66
N LEU B 106 -6.85 -6.77 -3.01
CA LEU B 106 -5.42 -6.93 -2.75
C LEU B 106 -4.88 -6.12 -1.58
N THR B 107 -5.77 -5.57 -0.75
CA THR B 107 -5.36 -4.73 0.37
C THR B 107 -5.07 -5.47 1.69
N SER B 108 -4.49 -6.67 1.61
CA SER B 108 -4.27 -7.50 2.80
C SER B 108 -2.79 -7.92 2.96
N PRO B 109 -2.29 -7.96 4.21
CA PRO B 109 -0.87 -8.16 4.58
C PRO B 109 -0.09 -9.19 3.76
N GLU B 110 -0.70 -10.32 3.41
CA GLU B 110 -0.05 -11.23 2.47
C GLU B 110 -1.09 -11.90 1.59
N THR B 111 -1.11 -11.51 0.31
CA THR B 111 -2.12 -11.99 -0.59
C THR B 111 -1.54 -12.83 -1.70
N TRP B 112 -2.11 -14.02 -1.92
CA TRP B 112 -1.75 -14.88 -3.05
C TRP B 112 -2.92 -15.02 -4.00
N VAL B 113 -2.70 -14.63 -5.24
CA VAL B 113 -3.71 -14.72 -6.26
C VAL B 113 -3.58 -16.09 -6.91
N ILE B 114 -4.67 -16.86 -6.92
CA ILE B 114 -4.56 -18.26 -7.31
C ILE B 114 -5.27 -18.61 -8.61
N GLY B 115 -5.88 -17.63 -9.26
CA GLY B 115 -6.56 -17.87 -10.52
C GLY B 115 -7.75 -16.96 -10.69
N GLY B 116 -8.27 -16.87 -11.90
CA GLY B 116 -7.76 -17.65 -13.02
C GLY B 116 -7.02 -16.78 -14.01
N GLY B 117 -6.73 -17.35 -15.19
CA GLY B 117 -6.13 -16.62 -16.30
C GLY B 117 -6.46 -15.14 -16.38
N GLN B 118 -7.74 -14.81 -16.26
CA GLN B 118 -8.18 -13.42 -16.27
C GLN B 118 -7.58 -12.65 -15.09
N VAL B 119 -8.04 -12.96 -13.89
CA VAL B 119 -7.54 -12.34 -12.65
C VAL B 119 -6.00 -12.26 -12.53
N TYR B 120 -5.29 -13.32 -12.91
CA TYR B 120 -3.83 -13.31 -12.91
C TYR B 120 -3.33 -12.12 -13.71
N ALA B 121 -3.97 -11.90 -14.86
CA ALA B 121 -3.57 -10.88 -15.82
C ALA B 121 -3.84 -9.49 -15.31
N LEU B 122 -4.82 -9.40 -14.42
CA LEU B 122 -5.22 -8.09 -13.91
C LEU B 122 -4.41 -7.74 -12.67
N ALA B 123 -3.98 -8.76 -11.94
CA ALA B 123 -3.29 -8.56 -10.68
C ALA B 123 -1.77 -8.46 -10.84
N LEU B 124 -1.24 -9.04 -11.93
CA LEU B 124 0.20 -9.02 -12.23
C LEU B 124 0.92 -7.68 -11.94
N PRO B 125 0.36 -6.53 -12.40
CA PRO B 125 1.04 -5.27 -12.11
C PRO B 125 1.16 -4.93 -10.62
N TYR B 126 0.27 -5.47 -9.79
CA TYR B 126 0.33 -5.20 -8.37
C TYR B 126 1.30 -6.15 -7.68
N ALA B 127 1.69 -7.22 -8.37
CA ALA B 127 2.40 -8.31 -7.71
C ALA B 127 3.87 -8.03 -7.57
N THR B 128 4.43 -8.46 -6.43
CA THR B 128 5.85 -8.33 -6.17
C THR B 128 6.48 -9.68 -5.86
N ARG B 129 5.65 -10.71 -5.86
CA ARG B 129 6.16 -12.07 -5.73
C ARG B 129 5.47 -13.00 -6.72
N CYS B 130 6.22 -13.94 -7.26
CA CYS B 130 5.63 -15.01 -8.07
C CYS B 130 6.20 -16.32 -7.56
N GLU B 131 5.31 -17.26 -7.21
CA GLU B 131 5.71 -18.61 -6.84
C GLU B 131 5.17 -19.56 -7.89
N VAL B 132 6.07 -20.13 -8.69
CA VAL B 132 5.64 -20.89 -9.86
C VAL B 132 6.12 -22.32 -9.82
N THR B 133 5.28 -23.22 -10.32
CA THR B 133 5.66 -24.61 -10.53
C THR B 133 5.69 -24.87 -12.02
N GLU B 134 6.87 -25.18 -12.56
CA GLU B 134 6.99 -25.59 -13.95
C GLU B 134 7.06 -27.11 -14.03
N VAL B 135 6.07 -27.67 -14.71
CA VAL B 135 5.97 -29.11 -14.86
C VAL B 135 6.60 -29.51 -16.18
N ASP B 136 7.55 -30.42 -16.10
CA ASP B 136 8.35 -30.80 -17.27
C ASP B 136 7.54 -31.73 -18.14
N ILE B 137 6.71 -31.13 -19.00
CA ILE B 137 5.78 -31.89 -19.82
C ILE B 137 5.48 -31.08 -21.08
N GLY B 138 5.55 -31.75 -22.23
CA GLY B 138 5.35 -31.08 -23.51
C GLY B 138 3.89 -30.96 -23.87
N LEU B 139 3.33 -29.78 -23.65
CA LEU B 139 1.93 -29.52 -23.87
C LEU B 139 1.75 -28.20 -24.64
N PRO B 140 1.86 -28.27 -25.98
CA PRO B 140 1.78 -27.07 -26.82
C PRO B 140 0.48 -26.34 -26.57
N ARG B 141 0.51 -25.01 -26.53
CA ARG B 141 -0.71 -24.24 -26.35
C ARG B 141 -1.65 -24.55 -27.50
N GLU B 142 -2.95 -24.42 -27.25
CA GLU B 142 -3.98 -24.59 -28.25
C GLU B 142 -5.31 -24.02 -27.75
N ALA B 143 -6.30 -23.99 -28.61
CA ALA B 143 -7.56 -23.35 -28.29
C ALA B 143 -8.23 -23.92 -27.03
N GLY B 144 -8.68 -23.04 -26.14
CA GLY B 144 -9.42 -23.45 -24.96
C GLY B 144 -8.59 -23.59 -23.71
N ASP B 145 -7.27 -23.51 -23.85
CA ASP B 145 -6.35 -23.61 -22.73
C ASP B 145 -6.39 -22.38 -21.82
N ALA B 146 -6.22 -22.59 -20.52
CA ALA B 146 -5.89 -21.47 -19.65
C ALA B 146 -4.37 -21.28 -19.69
N LEU B 147 -3.94 -20.01 -19.68
CA LEU B 147 -2.54 -19.67 -19.86
C LEU B 147 -1.91 -18.89 -18.70
N ALA B 148 -0.60 -19.09 -18.51
CA ALA B 148 0.20 -18.43 -17.49
C ALA B 148 0.31 -16.94 -17.76
N PRO B 149 0.46 -16.12 -16.70
CA PRO B 149 0.80 -14.74 -17.01
C PRO B 149 2.25 -14.63 -17.47
N VAL B 150 2.58 -13.53 -18.14
CA VAL B 150 3.90 -13.35 -18.71
C VAL B 150 4.86 -12.65 -17.75
N LEU B 151 5.91 -13.35 -17.34
CA LEU B 151 6.96 -12.74 -16.53
C LEU B 151 7.90 -11.94 -17.44
N ASP B 152 8.21 -10.70 -17.04
CA ASP B 152 9.17 -9.90 -17.81
C ASP B 152 10.55 -9.80 -17.15
N GLU B 153 11.44 -8.98 -17.72
CA GLU B 153 12.80 -8.83 -17.21
C GLU B 153 12.90 -8.03 -15.89
N THR B 154 11.79 -7.53 -15.39
CA THR B 154 11.83 -6.79 -14.12
C THR B 154 11.95 -7.78 -12.93
N TRP B 155 11.63 -9.05 -13.17
CA TRP B 155 11.64 -10.06 -12.12
C TRP B 155 13.04 -10.60 -11.87
N ARG B 156 13.29 -10.96 -10.62
CA ARG B 156 14.54 -11.63 -10.25
C ARG B 156 14.18 -12.76 -9.34
N GLY B 157 15.08 -13.72 -9.21
CA GLY B 157 14.94 -14.73 -8.19
C GLY B 157 15.49 -16.06 -8.61
N GLU B 158 14.95 -17.10 -8.00
CA GLU B 158 15.56 -18.42 -8.05
C GLU B 158 14.76 -19.40 -8.86
N THR B 159 15.40 -19.99 -9.86
CA THR B 159 14.86 -21.13 -10.58
C THR B 159 15.44 -22.41 -9.97
N GLY B 160 14.58 -23.20 -9.34
CA GLY B 160 15.03 -24.37 -8.62
C GLY B 160 15.40 -25.52 -9.54
N GLU B 161 16.07 -26.52 -8.98
CA GLU B 161 16.49 -27.70 -9.71
C GLU B 161 15.29 -28.57 -10.04
N TRP B 162 15.42 -29.36 -11.10
CA TRP B 162 14.40 -30.32 -11.47
C TRP B 162 14.30 -31.37 -10.38
N ARG B 163 13.07 -31.75 -10.02
CA ARG B 163 12.86 -32.82 -9.08
C ARG B 163 11.81 -33.77 -9.61
N PHE B 164 11.95 -35.05 -9.31
CA PHE B 164 10.95 -36.03 -9.67
C PHE B 164 9.91 -36.12 -8.58
N SER B 165 8.64 -36.07 -8.97
CA SER B 165 7.59 -36.51 -8.05
C SER B 165 7.63 -38.04 -7.91
N ARG B 166 6.84 -38.57 -6.97
CA ARG B 166 6.77 -40.02 -6.75
C ARG B 166 6.41 -40.79 -7.99
N SER B 167 5.57 -40.19 -8.83
CA SER B 167 5.12 -40.81 -10.07
C SER B 167 6.17 -40.77 -11.18
N GLY B 168 7.16 -39.88 -11.06
CA GLY B 168 8.20 -39.73 -12.07
C GLY B 168 7.97 -38.53 -12.99
N LEU B 169 6.86 -37.82 -12.78
CA LEU B 169 6.68 -36.53 -13.45
C LEU B 169 7.71 -35.54 -12.87
N ARG B 170 8.39 -34.79 -13.73
CA ARG B 170 9.46 -33.91 -13.28
C ARG B 170 8.96 -32.46 -13.20
N TYR B 171 9.43 -31.72 -12.21
CA TYR B 171 8.94 -30.36 -12.05
C TYR B 171 9.95 -29.51 -11.33
N ARG B 172 9.86 -28.19 -11.49
CA ARG B 172 10.71 -27.33 -10.69
C ARG B 172 9.96 -26.11 -10.18
N LEU B 173 10.54 -25.45 -9.18
CA LEU B 173 9.88 -24.31 -8.56
C LEU B 173 10.61 -23.01 -8.86
N TYR B 174 9.86 -21.97 -9.26
CA TYR B 174 10.39 -20.61 -9.34
C TYR B 174 10.00 -19.82 -8.08
N SER B 175 10.92 -19.01 -7.56
CA SER B 175 10.62 -18.08 -6.46
C SER B 175 11.10 -16.72 -6.92
N TYR B 176 10.22 -15.93 -7.54
CA TYR B 176 10.63 -14.66 -8.11
C TYR B 176 10.08 -13.47 -7.34
N HIS B 177 10.74 -12.33 -7.52
CA HIS B 177 10.36 -11.11 -6.82
C HIS B 177 10.75 -9.86 -7.61
N ARG B 178 10.03 -8.78 -7.33
CA ARG B 178 10.34 -7.47 -7.84
C ARG B 178 9.84 -6.46 -6.83
N SER B 179 10.34 -5.25 -6.92
CA SER B 179 9.86 -4.19 -6.04
C SER B 179 9.06 -3.21 -6.87
N1 1CY C . 4.85 21.85 13.56
C2 1CY C . 4.04 20.78 13.39
N3 1CY C . 3.85 20.24 12.17
C4 1CY C . 4.43 20.77 11.07
N5 1CY C . 5.27 21.87 11.16
C6 1CY C . 5.48 22.54 12.45
N7 1CY C . 3.43 20.22 14.45
N8 1CY C . 4.22 20.20 9.86
C9 1CY C . 6.90 22.97 12.76
C10 1CY C . 4.62 23.78 12.31
C11 1CY C . 5.89 22.34 9.99
C12 1CY C . 7.19 21.89 9.76
C13 1CY C . 7.90 22.27 8.63
C14 1CY C . 7.26 23.10 7.72
C15 1CY C . 5.97 23.55 7.93
C16 1CY C . 5.27 23.16 9.06
CL17 1CY C . 8.14 23.60 6.25
PB ATR D . 0.75 25.70 -0.68
O1B ATR D . 0.11 26.82 -1.65
O2B ATR D . -0.38 24.84 -0.22
O3B ATR D . 1.68 26.40 0.30
PA ATR D . 2.41 23.49 -1.22
O1A ATR D . 1.33 22.49 -0.87
O2A ATR D . 3.55 23.72 -0.26
O3A ATR D . 1.70 24.85 -1.65
O5' ATR D . 3.04 23.05 -2.64
C5' ATR D . 2.22 23.05 -3.79
C4' ATR D . 3.09 22.61 -4.96
O4' ATR D . 3.19 21.18 -4.98
C3' ATR D . 2.51 22.98 -6.31
O3' ATR D . 2.91 24.30 -6.72
C2' ATR D . 3.15 21.95 -7.21
O2' ATR D . 4.50 22.36 -7.41
P2' ATR D . 4.96 23.08 -8.76
O1P ATR D . 6.47 23.18 -8.69
O2P ATR D . 4.25 24.42 -8.70
O3P ATR D . 4.43 22.16 -9.83
C1' ATR D . 3.16 20.71 -6.34
N9 ATR D . 1.98 19.84 -6.63
C8 ATR D . 0.73 19.97 -6.14
N7 ATR D . -0.09 19.00 -6.61
C5 ATR D . 0.64 18.19 -7.41
C6 ATR D . 0.39 17.05 -8.18
N6 ATR D . -0.84 16.47 -8.23
N1 ATR D . 1.40 16.50 -8.88
C2 ATR D . 2.63 17.04 -8.87
N3 ATR D . 2.95 18.15 -8.16
C4 ATR D . 2.01 18.75 -7.41
N1 1CY E . -0.82 -25.21 -7.77
C2 1CY E . -0.12 -24.05 -7.77
N3 1CY E . -0.76 -22.86 -7.79
C4 1CY E . -2.11 -22.81 -7.83
N5 1CY E . -2.90 -23.97 -7.86
C6 1CY E . -2.26 -25.29 -7.90
N7 1CY E . 1.22 -24.08 -7.72
N8 1CY E . -2.71 -21.60 -7.87
C9 1CY E . -2.91 -26.40 -7.09
C10 1CY E . -2.39 -25.66 -9.38
C11 1CY E . -4.30 -23.80 -7.85
C12 1CY E . -5.06 -23.46 -8.96
C13 1CY E . -6.43 -23.29 -8.79
C14 1CY E . -7.04 -23.43 -7.54
C15 1CY E . -6.29 -23.77 -6.44
C16 1CY E . -4.92 -23.93 -6.60
CL17 1CY E . -8.81 -23.20 -7.42
PB ATR F . -11.42 -17.47 -15.94
O1B ATR F . -10.89 -18.83 -15.26
O2B ATR F . -12.43 -17.87 -16.97
O3B ATR F . -10.24 -16.64 -16.36
PA ATR F . -11.53 -16.09 -13.46
O1A ATR F . -10.36 -15.27 -13.94
O2A ATR F . -11.35 -17.12 -12.37
O3A ATR F . -12.23 -16.80 -14.71
O5' ATR F . -12.67 -15.07 -13.03
C5' ATR F . -13.16 -14.09 -13.93
C4' ATR F . -14.35 -13.50 -13.20
O4' ATR F . -13.85 -12.83 -12.03
C3' ATR F . -15.15 -12.49 -13.98
O3' ATR F . -16.24 -13.10 -14.68
C2' ATR F . -15.68 -11.60 -12.89
O2' ATR F . -16.71 -12.32 -12.20
P2' ATR F . -18.27 -12.07 -12.51
O1P ATR F . -18.91 -12.82 -11.36
O2P ATR F . -18.43 -12.68 -13.89
O3P ATR F . -18.40 -10.56 -12.49
C1' ATR F . -14.55 -11.58 -11.90
N9 ATR F . -13.65 -10.41 -12.10
C8 ATR F . -12.60 -10.32 -12.95
N7 ATR F . -12.03 -9.10 -12.83
C5 ATR F . -12.70 -8.40 -11.90
C6 ATR F . -12.61 -7.13 -11.34
N6 ATR F . -11.66 -6.26 -11.73
N1 ATR F . -13.52 -6.76 -10.40
C2 ATR F . -14.47 -7.60 -9.98
N3 ATR F . -14.61 -8.83 -10.49
C4 ATR F . -13.76 -9.28 -11.43
#